data_4ZVQ
#
_entry.id   4ZVQ
#
_cell.length_a   86.890
_cell.length_b   86.890
_cell.length_c   187.711
_cell.angle_alpha   90.00
_cell.angle_beta   90.00
_cell.angle_gamma   120.00
#
_symmetry.space_group_name_H-M   'P 32 2 1'
#
loop_
_entity.id
_entity.type
_entity.pdbx_description
1 polymer Caspase-7
2 polymer Caspase-7
3 polymer 'Peptide ACE-VAL-GLU-ILE-ASA'
4 water water
#
loop_
_entity_poly.entity_id
_entity_poly.type
_entity_poly.pdbx_seq_one_letter_code
_entity_poly.pdbx_strand_id
1 'polypeptide(L)'
;MADDQGCIEEQGVEDSANEDSVDAKPDRSSFVPSLFSKKKKNVTMRSIKTTRDRVPTYQYNMNFEKLGKCIIINNKNFDK
VTGMGVRNGTDKDAEALFKCFRSLGFDVIVYNDCSCAKMQDLLKKASEEDHTNAACFACILLSHGEENVIYGKDGVTPIK
DLTAHFRGDRCKTLLEKPKLFFIQACRGTELDDGIQAD
;
A,C
2 'polypeptide(L)'
;SGPINDTDANPRYKIPVEADFLFAYSTVPGYVSMRSPGRGSWFVQALCSILEEHGKDLEIMQILTRVNDRVARHFESCSD
DPHFHEKKQIPCVVSMLTKELYFSQLEHHHHHH
;
B,D
3 'polypeptide(L)' (ACE)VEI(ASA) E,F
#
# COMPACT_ATOMS: atom_id res chain seq x y z
N TYR A 58 17.19 10.82 6.43
CA TYR A 58 15.81 10.64 5.99
C TYR A 58 15.73 10.02 4.60
N GLN A 59 16.89 9.87 3.97
CA GLN A 59 16.97 9.23 2.67
C GLN A 59 17.77 7.93 2.74
N TYR A 60 17.39 6.94 1.92
CA TYR A 60 18.19 5.73 1.79
C TYR A 60 19.56 6.07 1.23
N ASN A 61 20.60 5.50 1.83
CA ASN A 61 21.95 5.72 1.35
C ASN A 61 22.15 5.07 -0.02
N MET A 62 22.47 5.89 -1.02
CA MET A 62 22.61 5.39 -2.38
C MET A 62 24.06 5.39 -2.83
N ASN A 63 24.98 5.57 -1.88
CA ASN A 63 26.39 5.65 -2.25
C ASN A 63 27.02 4.27 -2.24
N PHE A 64 26.72 3.51 -3.28
CA PHE A 64 27.22 2.15 -3.46
C PHE A 64 27.78 2.03 -4.87
N GLU A 65 28.58 1.00 -5.12
CA GLU A 65 29.18 0.79 -6.43
C GLU A 65 28.13 0.48 -7.49
N LYS A 66 27.01 -0.11 -7.08
CA LYS A 66 25.93 -0.42 -8.00
C LYS A 66 24.58 0.04 -7.45
N LEU A 67 23.65 0.33 -8.34
CA LEU A 67 22.28 0.61 -7.94
C LEU A 67 21.66 -0.69 -7.43
N GLY A 68 21.80 -1.74 -8.23
CA GLY A 68 21.40 -3.07 -7.82
C GLY A 68 20.93 -3.95 -8.95
N LYS A 69 20.51 -5.16 -8.61
CA LYS A 69 20.01 -6.12 -9.58
C LYS A 69 18.53 -5.86 -9.89
N CYS A 70 18.15 -6.01 -11.17
CA CYS A 70 16.75 -5.93 -11.54
C CYS A 70 16.31 -7.14 -12.36
N ILE A 71 15.37 -7.91 -11.81
CA ILE A 71 14.86 -9.08 -12.49
C ILE A 71 13.51 -8.78 -13.14
N ILE A 72 13.43 -8.98 -14.45
CA ILE A 72 12.15 -8.87 -15.13
C ILE A 72 11.67 -10.25 -15.55
N ILE A 73 10.48 -10.62 -15.10
CA ILE A 73 9.89 -11.89 -15.50
C ILE A 73 8.74 -11.60 -16.44
N ASN A 74 8.92 -11.95 -17.70
CA ASN A 74 7.97 -11.61 -18.74
C ASN A 74 7.26 -12.84 -19.26
N ASN A 75 6.04 -13.07 -18.77
CA ASN A 75 5.29 -14.27 -19.10
C ASN A 75 4.25 -14.00 -20.17
N LYS A 76 4.52 -14.47 -21.39
CA LYS A 76 3.64 -14.22 -22.53
C LYS A 76 2.79 -15.43 -22.89
N ASN A 77 3.39 -16.62 -22.84
CA ASN A 77 2.74 -17.83 -23.30
C ASN A 77 2.49 -18.80 -22.17
N PHE A 78 1.31 -19.42 -22.15
CA PHE A 78 0.92 -20.29 -21.06
C PHE A 78 0.45 -21.64 -21.56
N ASP A 79 0.76 -22.69 -20.80
CA ASP A 79 0.31 -24.04 -21.07
C ASP A 79 -1.21 -24.07 -21.13
N LYS A 80 -1.77 -24.78 -22.12
CA LYS A 80 -3.22 -24.79 -22.34
C LYS A 80 -3.94 -25.27 -21.09
N VAL A 81 -3.26 -26.09 -20.30
CA VAL A 81 -3.78 -26.58 -19.03
C VAL A 81 -4.26 -25.46 -18.11
N THR A 82 -3.62 -24.30 -18.19
CA THR A 82 -3.95 -23.19 -17.31
C THR A 82 -5.18 -22.42 -17.78
N GLY A 83 -5.53 -22.58 -19.05
CA GLY A 83 -6.68 -21.89 -19.60
C GLY A 83 -6.41 -20.45 -19.97
N MET A 84 -5.19 -19.98 -19.68
CA MET A 84 -4.89 -18.56 -19.82
C MET A 84 -4.44 -18.25 -21.25
N GLY A 85 -4.88 -17.10 -21.76
CA GLY A 85 -4.53 -16.70 -23.11
C GLY A 85 -3.20 -15.98 -23.24
N VAL A 86 -2.78 -15.75 -24.48
CA VAL A 86 -1.53 -15.06 -24.76
C VAL A 86 -1.60 -13.60 -24.34
N ARG A 87 -0.55 -13.11 -23.68
CA ARG A 87 -0.52 -11.75 -23.20
C ARG A 87 0.16 -10.83 -24.19
N ASN A 88 -0.48 -10.62 -25.34
CA ASN A 88 0.04 -9.74 -26.38
C ASN A 88 0.28 -8.33 -25.85
N GLY A 89 1.41 -7.74 -26.25
CA GLY A 89 1.79 -6.42 -25.79
C GLY A 89 2.83 -6.44 -24.69
N THR A 90 3.02 -7.59 -24.06
CA THR A 90 3.91 -7.70 -22.91
C THR A 90 5.38 -7.60 -23.30
N ASP A 91 5.70 -7.91 -24.55
CA ASP A 91 7.08 -7.83 -25.02
C ASP A 91 7.48 -6.36 -25.13
N LYS A 92 6.54 -5.53 -25.56
CA LYS A 92 6.76 -4.09 -25.61
C LYS A 92 6.90 -3.52 -24.20
N ASP A 93 6.12 -4.03 -23.27
CA ASP A 93 6.28 -3.69 -21.86
C ASP A 93 7.68 -4.01 -21.34
N ALA A 94 8.12 -5.24 -21.60
CA ALA A 94 9.39 -5.72 -21.05
C ALA A 94 10.58 -4.97 -21.63
N GLU A 95 10.52 -4.65 -22.91
CA GLU A 95 11.59 -3.89 -23.56
C GLU A 95 11.66 -2.47 -23.01
N ALA A 96 10.50 -1.84 -22.89
CA ALA A 96 10.42 -0.47 -22.38
C ALA A 96 10.90 -0.39 -20.95
N LEU A 97 10.53 -1.39 -20.15
CA LEU A 97 10.98 -1.47 -18.76
C LEU A 97 12.48 -1.70 -18.67
N PHE A 98 13.00 -2.54 -19.57
CA PHE A 98 14.41 -2.88 -19.58
C PHE A 98 15.22 -1.58 -19.77
N LYS A 99 14.85 -0.81 -20.79
CA LYS A 99 15.51 0.47 -21.07
C LYS A 99 15.46 1.45 -19.90
N CYS A 100 14.30 1.57 -19.28
CA CYS A 100 14.11 2.51 -18.17
C CYS A 100 14.97 2.17 -16.97
N PHE A 101 14.88 0.92 -16.53
CA PHE A 101 15.61 0.48 -15.35
C PHE A 101 17.11 0.35 -15.63
N ARG A 102 17.46 0.12 -16.89
CA ARG A 102 18.86 0.14 -17.29
C ARG A 102 19.38 1.57 -17.20
N SER A 103 18.55 2.52 -17.63
CA SER A 103 18.88 3.94 -17.58
C SER A 103 19.01 4.46 -16.15
N LEU A 104 18.25 3.87 -15.23
CA LEU A 104 18.35 4.25 -13.82
C LEU A 104 19.65 3.73 -13.23
N GLY A 105 20.21 2.69 -13.84
CA GLY A 105 21.43 2.09 -13.35
C GLY A 105 21.31 0.65 -12.88
N PHE A 106 20.12 0.07 -12.99
CA PHE A 106 19.94 -1.32 -12.60
C PHE A 106 20.61 -2.26 -13.58
N ASP A 107 21.15 -3.37 -13.08
CA ASP A 107 21.62 -4.44 -13.94
C ASP A 107 20.46 -5.38 -14.26
N VAL A 108 19.85 -5.16 -15.42
CA VAL A 108 18.60 -5.83 -15.76
C VAL A 108 18.79 -7.12 -16.56
N ILE A 109 18.04 -8.15 -16.19
CA ILE A 109 18.00 -9.41 -16.94
C ILE A 109 16.53 -9.82 -17.13
N VAL A 110 16.17 -10.16 -18.37
CA VAL A 110 14.79 -10.53 -18.68
C VAL A 110 14.65 -12.03 -18.89
N TYR A 111 13.73 -12.64 -18.14
CA TYR A 111 13.45 -14.05 -18.26
C TYR A 111 12.08 -14.21 -18.90
N ASN A 112 11.92 -15.19 -19.79
CA ASN A 112 10.69 -15.31 -20.54
C ASN A 112 9.96 -16.62 -20.33
N ASP A 113 8.65 -16.54 -20.19
CA ASP A 113 7.77 -17.71 -20.07
C ASP A 113 8.26 -18.66 -18.99
N CYS A 114 8.36 -18.15 -17.76
CA CYS A 114 8.90 -18.93 -16.66
C CYS A 114 7.82 -19.80 -16.02
N SER A 115 8.20 -21.02 -15.64
CA SER A 115 7.35 -21.87 -14.83
C SER A 115 7.34 -21.32 -13.41
N CYS A 116 6.39 -21.77 -12.61
CA CYS A 116 6.33 -21.38 -11.20
C CYS A 116 7.61 -21.75 -10.47
N ALA A 117 8.16 -22.91 -10.81
CA ALA A 117 9.38 -23.39 -10.17
C ALA A 117 10.58 -22.51 -10.56
N LYS A 118 10.61 -22.10 -11.82
CA LYS A 118 11.68 -21.24 -12.31
C LYS A 118 11.66 -19.88 -11.62
N MET A 119 10.46 -19.31 -11.49
CA MET A 119 10.30 -18.03 -10.79
C MET A 119 10.72 -18.13 -9.34
N GLN A 120 10.31 -19.21 -8.68
CA GLN A 120 10.69 -19.44 -7.28
C GLN A 120 12.20 -19.56 -7.14
N ASP A 121 12.82 -20.25 -8.08
CA ASP A 121 14.27 -20.48 -8.03
C ASP A 121 15.02 -19.20 -8.36
N LEU A 122 14.55 -18.49 -9.38
CA LEU A 122 15.15 -17.24 -9.81
C LEU A 122 15.25 -16.20 -8.68
N LEU A 123 14.18 -16.07 -7.90
CA LEU A 123 14.15 -15.10 -6.80
C LEU A 123 14.94 -15.62 -5.60
N LYS A 124 14.85 -16.93 -5.36
CA LYS A 124 15.64 -17.56 -4.31
C LYS A 124 17.14 -17.36 -4.56
N LYS A 125 17.55 -17.55 -5.81
CA LYS A 125 18.97 -17.44 -6.16
C LYS A 125 19.44 -15.99 -6.04
N ALA A 126 18.57 -15.07 -6.44
CA ALA A 126 18.87 -13.64 -6.35
C ALA A 126 19.03 -13.18 -4.91
N SER A 127 18.19 -13.71 -4.03
CA SER A 127 18.23 -13.36 -2.61
C SER A 127 19.47 -13.93 -1.93
N GLU A 128 20.07 -14.94 -2.55
CA GLU A 128 21.24 -15.58 -1.98
C GLU A 128 22.55 -15.02 -2.53
N GLU A 129 22.46 -14.18 -3.57
CA GLU A 129 23.64 -13.47 -4.07
C GLU A 129 24.11 -12.43 -3.04
N ASP A 130 25.27 -11.84 -3.31
CA ASP A 130 25.86 -10.87 -2.39
C ASP A 130 25.54 -9.46 -2.86
N HIS A 131 24.71 -8.76 -2.08
CA HIS A 131 24.26 -7.42 -2.44
C HIS A 131 24.98 -6.33 -1.66
N THR A 132 26.07 -6.69 -0.99
CA THR A 132 26.83 -5.78 -0.15
C THR A 132 27.17 -4.45 -0.83
N ASN A 133 27.50 -4.51 -2.12
CA ASN A 133 27.88 -3.30 -2.86
C ASN A 133 26.75 -2.74 -3.70
N ALA A 134 25.53 -3.19 -3.44
CA ALA A 134 24.35 -2.69 -4.15
C ALA A 134 23.52 -1.81 -3.23
N ALA A 135 22.89 -0.79 -3.80
CA ALA A 135 22.07 0.13 -3.02
C ALA A 135 20.67 -0.43 -2.76
N CYS A 136 20.17 -1.21 -3.71
CA CYS A 136 18.83 -1.75 -3.60
C CYS A 136 18.60 -2.94 -4.53
N PHE A 137 17.37 -3.44 -4.55
CA PHE A 137 17.00 -4.56 -5.41
C PHE A 137 15.64 -4.30 -6.03
N ALA A 138 15.48 -4.67 -7.29
CA ALA A 138 14.21 -4.50 -7.97
C ALA A 138 13.79 -5.76 -8.72
N CYS A 139 12.51 -6.06 -8.69
CA CYS A 139 11.96 -7.18 -9.45
C CYS A 139 10.66 -6.77 -10.11
N ILE A 140 10.49 -7.16 -11.36
CA ILE A 140 9.29 -6.80 -12.10
C ILE A 140 8.60 -8.05 -12.63
N LEU A 141 7.33 -8.20 -12.29
CA LEU A 141 6.55 -9.37 -12.69
C LEU A 141 5.48 -8.99 -13.69
N LEU A 142 5.54 -9.59 -14.89
CA LEU A 142 4.56 -9.34 -15.93
C LEU A 142 3.86 -10.64 -16.32
N SER A 143 2.58 -10.77 -15.95
CA SER A 143 1.86 -12.02 -16.16
C SER A 143 0.37 -11.90 -15.91
N HIS A 144 -0.33 -13.04 -16.00
CA HIS A 144 -1.69 -13.16 -15.47
C HIS A 144 -1.61 -13.33 -13.96
N GLY A 145 -2.73 -13.11 -13.30
CA GLY A 145 -2.78 -13.30 -11.86
C GLY A 145 -4.18 -13.24 -11.28
N GLU A 146 -4.25 -13.56 -10.00
CA GLU A 146 -5.45 -13.42 -9.21
C GLU A 146 -4.96 -12.82 -7.90
N GLU A 147 -5.86 -12.58 -6.95
CA GLU A 147 -5.44 -11.94 -5.72
C GLU A 147 -4.39 -12.77 -4.98
N ASN A 148 -3.31 -12.11 -4.59
CA ASN A 148 -2.17 -12.70 -3.88
C ASN A 148 -1.37 -13.75 -4.66
N VAL A 149 -1.68 -13.95 -5.93
CA VAL A 149 -1.03 -15.00 -6.73
C VAL A 149 -0.69 -14.51 -8.14
N ILE A 150 0.37 -15.07 -8.71
CA ILE A 150 0.75 -14.72 -10.08
C ILE A 150 1.01 -16.00 -10.89
N TYR A 151 0.68 -15.95 -12.18
CA TYR A 151 0.82 -17.11 -13.05
C TYR A 151 2.24 -17.31 -13.60
N GLY A 152 2.73 -18.52 -13.47
CA GLY A 152 3.80 -19.01 -14.30
C GLY A 152 3.17 -19.59 -15.55
N LYS A 153 3.98 -20.21 -16.41
CA LYS A 153 3.44 -20.81 -17.62
C LYS A 153 2.62 -22.05 -17.31
N ASP A 154 2.85 -22.64 -16.15
CA ASP A 154 2.24 -23.93 -15.80
C ASP A 154 1.27 -23.88 -14.62
N GLY A 155 0.94 -22.69 -14.14
CA GLY A 155 0.07 -22.58 -12.98
C GLY A 155 0.30 -21.30 -12.19
N VAL A 156 -0.16 -21.31 -10.94
CA VAL A 156 -0.04 -20.12 -10.09
C VAL A 156 0.87 -20.35 -8.89
N THR A 157 1.46 -19.26 -8.41
CA THR A 157 2.33 -19.29 -7.23
C THR A 157 2.08 -18.04 -6.40
N PRO A 158 2.09 -18.18 -5.06
CA PRO A 158 1.80 -17.02 -4.22
C PRO A 158 2.89 -15.95 -4.32
N ILE A 159 2.48 -14.69 -4.44
CA ILE A 159 3.42 -13.58 -4.50
C ILE A 159 4.22 -13.46 -3.22
N LYS A 160 3.58 -13.75 -2.09
CA LYS A 160 4.25 -13.73 -0.79
C LYS A 160 5.49 -14.64 -0.77
N ASP A 161 5.40 -15.78 -1.43
CA ASP A 161 6.51 -16.75 -1.40
C ASP A 161 7.67 -16.30 -2.29
N LEU A 162 7.37 -15.55 -3.34
CA LEU A 162 8.42 -14.99 -4.19
C LEU A 162 9.21 -13.90 -3.47
N THR A 163 8.50 -13.09 -2.69
CA THR A 163 9.11 -11.93 -2.04
C THR A 163 9.68 -12.24 -0.65
N ALA A 164 9.26 -13.34 -0.05
CA ALA A 164 9.68 -13.69 1.30
C ALA A 164 11.18 -13.97 1.39
N HIS A 165 11.77 -14.39 0.28
CA HIS A 165 13.20 -14.67 0.23
C HIS A 165 14.06 -13.45 0.56
N PHE A 166 13.48 -12.26 0.41
CA PHE A 166 14.25 -11.02 0.57
C PHE A 166 14.01 -10.37 1.93
N ARG A 167 13.30 -11.07 2.80
CA ARG A 167 13.12 -10.61 4.18
C ARG A 167 14.47 -10.36 4.84
N GLY A 168 14.50 -9.45 5.81
CA GLY A 168 15.72 -9.08 6.50
C GLY A 168 16.52 -10.25 7.06
N ASP A 169 15.82 -11.26 7.55
CA ASP A 169 16.46 -12.43 8.15
C ASP A 169 16.83 -13.50 7.13
N ARG A 170 16.49 -13.26 5.86
CA ARG A 170 16.75 -14.24 4.82
C ARG A 170 17.62 -13.68 3.70
N CYS A 171 17.95 -12.40 3.81
CA CYS A 171 18.81 -11.73 2.83
C CYS A 171 19.58 -10.61 3.51
N LYS A 172 20.59 -10.99 4.29
CA LYS A 172 21.33 -10.08 5.15
C LYS A 172 21.99 -8.91 4.41
N THR A 173 22.35 -9.11 3.15
CA THR A 173 23.07 -8.07 2.42
C THR A 173 22.14 -7.03 1.79
N LEU A 174 20.83 -7.25 1.90
CA LEU A 174 19.86 -6.22 1.52
C LEU A 174 19.17 -5.60 2.73
N LEU A 175 19.62 -5.98 3.92
CA LEU A 175 19.11 -5.39 5.16
C LEU A 175 19.26 -3.86 5.15
N GLU A 176 18.17 -3.18 5.53
CA GLU A 176 18.09 -1.71 5.54
C GLU A 176 18.20 -1.10 4.15
N LYS A 177 18.01 -1.92 3.12
CA LYS A 177 18.00 -1.43 1.75
C LYS A 177 16.63 -1.65 1.12
N PRO A 178 16.22 -0.73 0.23
CA PRO A 178 14.90 -0.86 -0.40
C PRO A 178 14.82 -2.09 -1.30
N LYS A 179 13.71 -2.81 -1.20
CA LYS A 179 13.45 -3.97 -2.04
C LYS A 179 12.18 -3.70 -2.83
N LEU A 180 12.31 -3.44 -4.12
CA LEU A 180 11.18 -3.01 -4.93
C LEU A 180 10.57 -4.12 -5.78
N PHE A 181 9.25 -4.19 -5.78
CA PHE A 181 8.53 -5.17 -6.60
C PHE A 181 7.42 -4.50 -7.40
N PHE A 182 7.53 -4.59 -8.73
CA PHE A 182 6.52 -4.04 -9.62
C PHE A 182 5.74 -5.18 -10.25
N ILE A 183 4.42 -5.14 -10.11
CA ILE A 183 3.60 -6.27 -10.55
C ILE A 183 2.47 -5.85 -11.49
N GLN A 184 2.62 -6.24 -12.75
CA GLN A 184 1.54 -6.09 -13.73
C GLN A 184 0.80 -7.43 -13.83
N ALA A 185 -0.41 -7.46 -13.27
CA ALA A 185 -1.21 -8.68 -13.20
C ALA A 185 -2.58 -8.35 -12.62
N CYS A 186 -3.60 -9.10 -13.02
CA CYS A 186 -4.92 -8.94 -12.44
C CYS A 186 -4.90 -9.37 -10.98
N ARG A 187 -5.82 -8.81 -10.19
CA ARG A 187 -5.91 -9.13 -8.78
C ARG A 187 -7.33 -9.52 -8.40
N GLY A 188 -8.08 -9.98 -9.40
CA GLY A 188 -9.47 -10.31 -9.23
C GLY A 188 -10.22 -10.04 -10.52
N THR A 189 -11.54 -9.99 -10.45
CA THR A 189 -12.36 -9.90 -11.67
C THR A 189 -13.24 -8.66 -11.70
N GLU A 190 -13.17 -7.83 -10.67
CA GLU A 190 -13.97 -6.60 -10.66
C GLU A 190 -13.49 -5.60 -11.70
N LEU A 191 -14.43 -4.87 -12.28
CA LEU A 191 -14.13 -3.81 -13.23
C LEU A 191 -14.52 -2.47 -12.62
N ASP A 192 -13.71 -1.44 -12.89
CA ASP A 192 -14.01 -0.10 -12.39
C ASP A 192 -14.71 0.70 -13.48
N ASP A 193 -15.99 0.98 -13.28
CA ASP A 193 -16.78 1.67 -14.29
C ASP A 193 -16.45 3.15 -14.36
N GLY A 194 -15.89 3.67 -13.28
CA GLY A 194 -15.55 5.09 -13.22
C GLY A 194 -16.75 5.97 -12.96
N ILE A 195 -16.53 7.28 -12.94
CA ILE A 195 -17.59 8.24 -12.70
C ILE A 195 -17.25 9.61 -13.28
N GLN A 196 -18.26 10.27 -13.84
CA GLN A 196 -18.33 11.70 -14.18
C GLN A 196 -18.08 11.88 -15.68
N TYR B 13 18.66 -1.58 17.96
CA TYR B 13 19.30 -2.87 17.75
C TYR B 13 18.75 -3.58 16.52
N LYS B 14 17.51 -4.05 16.64
CA LYS B 14 16.88 -4.88 15.63
C LYS B 14 15.98 -4.13 14.65
N ILE B 15 15.80 -4.74 13.49
CA ILE B 15 14.95 -4.21 12.42
C ILE B 15 13.92 -5.27 12.02
N PRO B 16 12.65 -4.85 11.82
CA PRO B 16 11.62 -5.81 11.41
C PRO B 16 11.98 -6.48 10.10
N VAL B 17 11.70 -7.78 9.98
CA VAL B 17 12.11 -8.54 8.80
C VAL B 17 11.29 -8.14 7.58
N GLU B 18 10.14 -7.53 7.80
CA GLU B 18 9.27 -7.10 6.71
C GLU B 18 9.49 -5.65 6.30
N ALA B 19 10.45 -4.98 6.95
CA ALA B 19 10.73 -3.59 6.66
C ALA B 19 11.42 -3.40 5.32
N ASP B 20 11.23 -2.21 4.73
CA ASP B 20 11.94 -1.77 3.53
C ASP B 20 11.51 -2.48 2.25
N PHE B 21 10.27 -2.96 2.22
CA PHE B 21 9.67 -3.43 0.97
C PHE B 21 8.79 -2.34 0.35
N LEU B 22 8.70 -2.36 -0.98
CA LEU B 22 7.70 -1.56 -1.67
C LEU B 22 7.10 -2.37 -2.81
N PHE B 23 5.78 -2.45 -2.83
CA PHE B 23 5.07 -3.14 -3.90
C PHE B 23 4.29 -2.14 -4.73
N ALA B 24 4.60 -2.09 -6.02
CA ALA B 24 3.85 -1.24 -6.93
C ALA B 24 2.96 -2.10 -7.80
N TYR B 25 1.70 -2.24 -7.39
CA TYR B 25 0.75 -3.04 -8.13
C TYR B 25 0.12 -2.23 -9.24
N SER B 26 -0.21 -2.88 -10.34
CA SER B 26 -0.83 -2.21 -11.48
C SER B 26 -2.29 -1.85 -11.18
N THR B 27 -2.86 -2.51 -10.18
CA THR B 27 -4.25 -2.29 -9.83
C THR B 27 -4.52 -2.61 -8.37
N VAL B 28 -5.73 -2.29 -7.93
CA VAL B 28 -6.12 -2.48 -6.54
C VAL B 28 -6.64 -3.91 -6.32
N PRO B 29 -6.61 -4.41 -5.07
CA PRO B 29 -7.07 -5.76 -4.77
C PRO B 29 -8.50 -6.03 -5.21
N GLY B 30 -8.74 -7.19 -5.80
CA GLY B 30 -10.07 -7.58 -6.21
C GLY B 30 -10.36 -7.18 -7.63
N TYR B 31 -9.49 -6.35 -8.20
CA TYR B 31 -9.76 -5.75 -9.51
C TYR B 31 -8.89 -6.28 -10.63
N VAL B 32 -9.34 -5.97 -11.84
CA VAL B 32 -8.70 -6.41 -13.07
C VAL B 32 -7.62 -5.41 -13.49
N SER B 33 -6.73 -5.83 -14.39
CA SER B 33 -5.66 -4.94 -14.86
C SER B 33 -5.59 -5.06 -16.37
N MET B 34 -5.60 -3.91 -17.05
CA MET B 34 -5.79 -3.88 -18.49
C MET B 34 -4.52 -3.69 -19.30
N ARG B 35 -4.55 -4.22 -20.51
CA ARG B 35 -3.41 -4.25 -21.41
C ARG B 35 -3.82 -4.09 -22.87
N SER B 36 -3.22 -3.12 -23.55
CA SER B 36 -3.44 -2.98 -24.99
C SER B 36 -2.37 -3.76 -25.75
N PRO B 37 -2.79 -4.75 -26.55
CA PRO B 37 -1.89 -5.65 -27.31
C PRO B 37 -0.90 -4.91 -28.20
N GLY B 38 -1.30 -3.76 -28.74
CA GLY B 38 -0.43 -3.00 -29.62
C GLY B 38 0.57 -2.12 -28.91
N ARG B 39 0.23 -1.67 -27.71
CA ARG B 39 1.02 -0.64 -27.01
C ARG B 39 1.51 -1.09 -25.64
N GLY B 40 0.95 -2.17 -25.12
CA GLY B 40 1.34 -2.68 -23.82
C GLY B 40 0.35 -2.33 -22.72
N SER B 41 0.62 -2.82 -21.52
CA SER B 41 -0.28 -2.59 -20.39
C SER B 41 -0.27 -1.12 -19.97
N TRP B 42 -1.40 -0.67 -19.43
CA TRP B 42 -1.58 0.72 -19.03
C TRP B 42 -0.55 1.15 -18.00
N PHE B 43 -0.38 0.33 -16.96
CA PHE B 43 0.52 0.63 -15.86
C PHE B 43 1.96 0.80 -16.30
N VAL B 44 2.43 -0.09 -17.16
CA VAL B 44 3.82 -0.05 -17.64
C VAL B 44 4.08 1.15 -18.54
N GLN B 45 3.15 1.43 -19.46
CA GLN B 45 3.23 2.63 -20.28
C GLN B 45 3.42 3.87 -19.43
N ALA B 46 2.59 3.99 -18.40
CA ALA B 46 2.60 5.16 -17.53
C ALA B 46 3.87 5.19 -16.69
N LEU B 47 4.25 4.02 -16.16
CA LEU B 47 5.43 3.90 -15.31
C LEU B 47 6.70 4.33 -16.04
N CYS B 48 6.88 3.80 -17.26
CA CYS B 48 8.04 4.15 -18.08
C CYS B 48 8.06 5.61 -18.48
N SER B 49 6.90 6.17 -18.81
CA SER B 49 6.80 7.58 -19.21
C SER B 49 7.28 8.51 -18.09
N ILE B 50 6.81 8.25 -16.88
CA ILE B 50 7.19 9.05 -15.73
C ILE B 50 8.65 8.83 -15.34
N LEU B 51 9.11 7.59 -15.44
CA LEU B 51 10.50 7.27 -15.15
C LEU B 51 11.47 7.89 -16.17
N GLU B 52 11.05 7.91 -17.44
CA GLU B 52 11.88 8.49 -18.49
C GLU B 52 12.13 9.98 -18.25
N GLU B 53 11.11 10.69 -17.81
CA GLU B 53 11.26 12.12 -17.54
C GLU B 53 11.74 12.46 -16.12
N HIS B 54 11.37 11.65 -15.13
CA HIS B 54 11.63 12.03 -13.74
C HIS B 54 12.29 10.98 -12.86
N GLY B 55 12.78 9.90 -13.46
CA GLY B 55 13.38 8.82 -12.69
C GLY B 55 14.55 9.23 -11.81
N LYS B 56 15.26 10.28 -12.20
CA LYS B 56 16.48 10.70 -11.50
C LYS B 56 16.29 11.86 -10.52
N ASP B 57 15.17 12.57 -10.59
CA ASP B 57 15.02 13.77 -9.77
C ASP B 57 13.81 13.75 -8.82
N LEU B 58 12.97 12.73 -8.91
CA LEU B 58 11.83 12.62 -8.01
C LEU B 58 11.98 11.46 -7.03
N GLU B 59 11.42 11.61 -5.84
CA GLU B 59 11.38 10.53 -4.88
C GLU B 59 10.39 9.48 -5.39
N ILE B 60 10.62 8.21 -5.05
CA ILE B 60 9.86 7.12 -5.64
C ILE B 60 8.34 7.22 -5.42
N MET B 61 7.93 7.70 -4.24
CA MET B 61 6.50 7.90 -3.99
C MET B 61 5.92 9.01 -4.85
N GLN B 62 6.73 10.03 -5.16
CA GLN B 62 6.28 11.08 -6.07
C GLN B 62 6.09 10.51 -7.47
N ILE B 63 7.01 9.62 -7.84
CA ILE B 63 6.98 8.99 -9.15
C ILE B 63 5.71 8.13 -9.30
N LEU B 64 5.49 7.26 -8.32
CA LEU B 64 4.37 6.33 -8.38
C LEU B 64 3.02 7.03 -8.20
N THR B 65 3.02 8.14 -7.46
CA THR B 65 1.82 8.96 -7.33
C THR B 65 1.43 9.55 -8.68
N ARG B 66 2.43 9.98 -9.45
CA ARG B 66 2.20 10.52 -10.78
C ARG B 66 1.78 9.42 -11.74
N VAL B 67 2.31 8.22 -11.53
CA VAL B 67 1.89 7.06 -12.31
C VAL B 67 0.42 6.75 -12.05
N ASN B 68 0.02 6.80 -10.78
CA ASN B 68 -1.36 6.65 -10.39
C ASN B 68 -2.26 7.62 -11.15
N ASP B 69 -1.85 8.89 -11.19
CA ASP B 69 -2.60 9.94 -11.86
C ASP B 69 -2.71 9.68 -13.36
N ARG B 70 -1.62 9.24 -13.97
CA ARG B 70 -1.58 9.00 -15.41
C ARG B 70 -2.48 7.84 -15.82
N VAL B 71 -2.43 6.75 -15.06
CA VAL B 71 -3.28 5.59 -15.34
C VAL B 71 -4.75 5.97 -15.14
N ALA B 72 -5.02 6.73 -14.09
CA ALA B 72 -6.38 7.11 -13.73
C ALA B 72 -7.01 8.06 -14.74
N ARG B 73 -6.22 8.95 -15.33
CA ARG B 73 -6.79 9.99 -16.18
C ARG B 73 -6.58 9.79 -17.69
N HIS B 74 -5.45 9.23 -18.09
CA HIS B 74 -5.12 9.16 -19.51
C HIS B 74 -5.69 7.90 -20.18
N PHE B 75 -6.22 6.97 -19.38
CA PHE B 75 -6.66 5.71 -19.93
C PHE B 75 -8.14 5.43 -19.70
N GLU B 76 -8.79 4.95 -20.75
CA GLU B 76 -10.15 4.45 -20.67
C GLU B 76 -10.30 3.41 -21.77
N SER B 77 -10.94 2.29 -21.45
CA SER B 77 -10.92 1.13 -22.34
C SER B 77 -11.91 1.24 -23.49
N CYS B 78 -11.57 0.57 -24.58
CA CYS B 78 -12.52 0.34 -25.65
C CYS B 78 -12.60 -1.16 -25.93
N SER B 79 -13.81 -1.68 -25.92
CA SER B 79 -14.04 -3.09 -26.20
C SER B 79 -15.42 -3.22 -26.81
N ASP B 80 -15.57 -4.17 -27.74
CA ASP B 80 -16.86 -4.42 -28.35
C ASP B 80 -17.72 -5.27 -27.43
N ASP B 81 -17.07 -5.98 -26.51
CA ASP B 81 -17.77 -6.58 -25.39
C ASP B 81 -18.11 -5.44 -24.44
N PRO B 82 -19.40 -5.10 -24.33
CA PRO B 82 -19.83 -3.93 -23.55
C PRO B 82 -19.53 -4.08 -22.07
N HIS B 83 -19.38 -5.31 -21.61
CA HIS B 83 -18.97 -5.58 -20.24
C HIS B 83 -17.59 -5.00 -19.95
N PHE B 84 -16.77 -4.88 -20.99
CA PHE B 84 -15.41 -4.35 -20.84
C PHE B 84 -15.23 -2.99 -21.51
N HIS B 85 -16.32 -2.26 -21.71
CA HIS B 85 -16.26 -1.00 -22.43
C HIS B 85 -16.23 0.18 -21.47
N GLU B 86 -15.37 1.16 -21.78
CA GLU B 86 -15.26 2.40 -21.01
C GLU B 86 -14.92 2.15 -19.54
N LYS B 87 -14.00 1.22 -19.31
CA LYS B 87 -13.58 0.90 -17.94
C LYS B 87 -12.34 1.70 -17.55
N LYS B 88 -12.11 1.80 -16.24
CA LYS B 88 -11.02 2.61 -15.71
C LYS B 88 -10.13 1.79 -14.79
N GLN B 89 -8.97 2.33 -14.45
CA GLN B 89 -8.02 1.62 -13.61
C GLN B 89 -7.23 2.56 -12.72
N ILE B 90 -7.01 2.14 -11.46
CA ILE B 90 -6.13 2.86 -10.55
C ILE B 90 -5.11 1.89 -9.98
N PRO B 91 -3.81 2.23 -10.08
CA PRO B 91 -2.80 1.35 -9.49
C PRO B 91 -2.81 1.44 -7.97
N CYS B 92 -1.92 0.70 -7.33
CA CYS B 92 -1.95 0.56 -5.88
C CYS B 92 -0.55 0.37 -5.33
N VAL B 93 -0.09 1.36 -4.56
CA VAL B 93 1.26 1.32 -4.02
C VAL B 93 1.25 0.91 -2.55
N VAL B 94 2.00 -0.13 -2.23
CA VAL B 94 2.14 -0.59 -0.86
C VAL B 94 3.58 -0.36 -0.39
N SER B 95 3.75 0.51 0.60
CA SER B 95 5.09 0.88 1.03
C SER B 95 5.39 0.51 2.48
N MET B 96 6.45 -0.26 2.66
CA MET B 96 7.01 -0.51 3.99
C MET B 96 8.38 0.17 4.09
N LEU B 97 8.63 1.12 3.21
CA LEU B 97 9.89 1.85 3.20
C LEU B 97 10.03 2.69 4.47
N THR B 98 11.26 2.86 4.94
CA THR B 98 11.51 3.59 6.17
C THR B 98 12.27 4.89 5.90
N LYS B 99 12.62 5.11 4.64
CA LYS B 99 13.31 6.33 4.23
C LYS B 99 12.79 6.77 2.87
N GLU B 100 13.17 7.98 2.45
CA GLU B 100 12.85 8.43 1.10
C GLU B 100 13.82 7.81 0.11
N LEU B 101 13.34 7.50 -1.08
CA LEU B 101 14.17 6.80 -2.08
C LEU B 101 14.35 7.63 -3.35
N TYR B 102 15.60 8.02 -3.60
CA TYR B 102 15.98 8.66 -4.85
C TYR B 102 16.95 7.75 -5.61
N PHE B 103 16.80 7.67 -6.93
CA PHE B 103 17.69 6.87 -7.74
C PHE B 103 18.94 7.64 -8.21
N SER B 104 19.47 8.51 -7.36
CA SER B 104 20.69 9.24 -7.71
C SER B 104 21.52 9.67 -6.51
N GLN B 105 22.75 10.13 -6.80
CA GLN B 105 23.70 10.63 -5.80
C GLN B 105 24.23 9.52 -4.90
N THR C 57 -0.53 21.77 -9.54
CA THR C 57 -1.11 20.79 -10.44
C THR C 57 -0.58 19.39 -10.15
N TYR C 58 0.26 19.29 -9.12
CA TYR C 58 0.75 18.01 -8.64
C TYR C 58 0.34 17.80 -7.19
N GLN C 59 -0.30 18.82 -6.61
CA GLN C 59 -0.80 18.75 -5.25
C GLN C 59 -2.33 18.80 -5.24
N TYR C 60 -2.93 18.12 -4.28
CA TYR C 60 -4.37 18.22 -4.06
C TYR C 60 -4.71 19.66 -3.69
N ASN C 61 -5.77 20.19 -4.29
CA ASN C 61 -6.21 21.55 -3.99
C ASN C 61 -6.74 21.63 -2.56
N MET C 62 -6.12 22.49 -1.75
CA MET C 62 -6.50 22.60 -0.34
C MET C 62 -7.23 23.90 -0.03
N ASN C 63 -7.65 24.61 -1.06
CA ASN C 63 -8.30 25.89 -0.86
C ASN C 63 -9.81 25.71 -0.75
N PHE C 64 -10.24 25.25 0.41
CA PHE C 64 -11.65 25.00 0.70
C PHE C 64 -11.95 25.68 2.02
N GLU C 65 -13.23 25.89 2.33
CA GLU C 65 -13.59 26.59 3.56
C GLU C 65 -13.15 25.83 4.79
N LYS C 66 -13.12 24.50 4.70
CA LYS C 66 -12.65 23.66 5.80
C LYS C 66 -11.75 22.54 5.28
N LEU C 67 -10.87 22.04 6.15
CA LEU C 67 -10.01 20.91 5.80
C LEU C 67 -10.84 19.64 5.62
N GLY C 68 -11.71 19.34 6.58
CA GLY C 68 -12.64 18.25 6.43
C GLY C 68 -13.01 17.53 7.71
N LYS C 69 -13.81 16.49 7.58
CA LYS C 69 -14.25 15.68 8.70
C LYS C 69 -13.20 14.66 9.10
N CYS C 70 -13.02 14.45 10.40
CA CYS C 70 -12.20 13.36 10.88
C CYS C 70 -13.01 12.53 11.86
N ILE C 71 -13.27 11.28 11.47
CA ILE C 71 -14.04 10.38 12.32
C ILE C 71 -13.11 9.40 13.03
N ILE C 72 -13.18 9.38 14.35
CA ILE C 72 -12.42 8.43 15.13
C ILE C 72 -13.35 7.40 15.77
N ILE C 73 -13.09 6.13 15.48
CA ILE C 73 -13.85 5.04 16.10
C ILE C 73 -12.96 4.34 17.11
N ASN C 74 -13.31 4.50 18.38
CA ASN C 74 -12.47 4.00 19.46
C ASN C 74 -13.12 2.83 20.18
N ASN C 75 -12.72 1.62 19.80
CA ASN C 75 -13.32 0.40 20.33
C ASN C 75 -12.46 -0.22 21.43
N LYS C 76 -12.92 -0.08 22.67
CA LYS C 76 -12.18 -0.57 23.82
C LYS C 76 -12.77 -1.87 24.37
N ASN C 77 -14.09 -1.95 24.40
CA ASN C 77 -14.77 -3.07 25.03
C ASN C 77 -15.55 -3.91 24.03
N PHE C 78 -15.46 -5.23 24.18
CA PHE C 78 -16.06 -6.16 23.23
C PHE C 78 -16.91 -7.20 23.94
N ASP C 79 -17.99 -7.62 23.29
CA ASP C 79 -18.81 -8.70 23.83
C ASP C 79 -17.94 -9.95 23.98
N LYS C 80 -18.02 -10.59 25.14
CA LYS C 80 -17.19 -11.74 25.47
C LYS C 80 -17.34 -12.93 24.50
N VAL C 81 -18.50 -13.04 23.85
CA VAL C 81 -18.68 -14.03 22.77
C VAL C 81 -17.62 -13.89 21.67
N THR C 82 -17.09 -12.68 21.48
CA THR C 82 -16.15 -12.40 20.40
C THR C 82 -14.77 -12.93 20.73
N GLY C 83 -14.54 -13.24 22.01
CA GLY C 83 -13.25 -13.74 22.45
C GLY C 83 -12.23 -12.65 22.68
N MET C 84 -12.61 -11.41 22.40
CA MET C 84 -11.67 -10.28 22.44
C MET C 84 -11.58 -9.66 23.83
N GLY C 85 -10.35 -9.33 24.23
CA GLY C 85 -10.11 -8.69 25.50
C GLY C 85 -10.23 -7.18 25.44
N VAL C 86 -10.17 -6.53 26.60
CA VAL C 86 -10.22 -5.08 26.68
C VAL C 86 -8.95 -4.49 26.09
N ARG C 87 -9.09 -3.44 25.28
CA ARG C 87 -7.94 -2.84 24.63
C ARG C 87 -7.42 -1.66 25.45
N ASN C 88 -6.86 -1.98 26.62
CA ASN C 88 -6.29 -0.97 27.49
C ASN C 88 -5.24 -0.14 26.77
N GLY C 89 -5.27 1.18 26.99
CA GLY C 89 -4.36 2.07 26.30
C GLY C 89 -4.99 2.81 25.13
N THR C 90 -6.14 2.32 24.67
CA THR C 90 -6.77 2.87 23.47
C THR C 90 -7.39 4.25 23.72
N ASP C 91 -7.72 4.55 24.97
CA ASP C 91 -8.30 5.85 25.30
C ASP C 91 -7.24 6.93 25.15
N LYS C 92 -6.01 6.58 25.52
CA LYS C 92 -4.86 7.47 25.37
C LYS C 92 -4.57 7.71 23.88
N ASP C 93 -4.69 6.67 23.07
CA ASP C 93 -4.59 6.82 21.61
C ASP C 93 -5.63 7.78 21.07
N ALA C 94 -6.89 7.57 21.46
CA ALA C 94 -7.99 8.35 20.92
C ALA C 94 -7.88 9.81 21.32
N GLU C 95 -7.40 10.06 22.55
CA GLU C 95 -7.18 11.41 23.03
C GLU C 95 -6.07 12.10 22.24
N ALA C 96 -4.97 11.38 22.04
CA ALA C 96 -3.82 11.92 21.32
C ALA C 96 -4.15 12.18 19.85
N LEU C 97 -4.89 11.26 19.22
CA LEU C 97 -5.29 11.42 17.83
C LEU C 97 -6.27 12.58 17.68
N PHE C 98 -7.18 12.70 18.63
CA PHE C 98 -8.15 13.79 18.62
C PHE C 98 -7.49 15.16 18.65
N LYS C 99 -6.62 15.37 19.64
CA LYS C 99 -5.91 16.63 19.79
C LYS C 99 -5.08 16.92 18.54
N CYS C 100 -4.46 15.87 18.02
CA CYS C 100 -3.58 15.98 16.87
C CYS C 100 -4.32 16.42 15.60
N PHE C 101 -5.40 15.74 15.25
CA PHE C 101 -6.15 16.07 14.04
C PHE C 101 -6.97 17.35 14.17
N ARG C 102 -7.33 17.72 15.39
CA ARG C 102 -7.99 19.00 15.62
C ARG C 102 -7.00 20.12 15.32
N SER C 103 -5.76 19.90 15.74
CA SER C 103 -4.68 20.86 15.52
C SER C 103 -4.39 21.03 14.02
N LEU C 104 -4.60 19.98 13.24
CA LEU C 104 -4.42 20.05 11.79
C LEU C 104 -5.52 20.85 11.10
N GLY C 105 -6.68 20.96 11.73
CA GLY C 105 -7.81 21.67 11.14
C GLY C 105 -9.03 20.82 10.84
N PHE C 106 -8.97 19.53 11.17
CA PHE C 106 -10.11 18.65 10.97
C PHE C 106 -11.24 18.91 11.97
N ASP C 107 -12.48 18.68 11.53
CA ASP C 107 -13.61 18.65 12.45
C ASP C 107 -13.70 17.24 13.01
N VAL C 108 -13.20 17.05 14.23
CA VAL C 108 -13.02 15.71 14.78
C VAL C 108 -14.25 15.23 15.56
N ILE C 109 -14.63 13.99 15.33
CA ILE C 109 -15.72 13.35 16.07
C ILE C 109 -15.26 11.99 16.58
N VAL C 110 -15.46 11.74 17.87
CA VAL C 110 -15.03 10.47 18.45
C VAL C 110 -16.21 9.56 18.80
N TYR C 111 -16.20 8.34 18.25
CA TYR C 111 -17.21 7.33 18.56
C TYR C 111 -16.60 6.20 19.39
N ASN C 112 -17.37 5.69 20.36
CA ASN C 112 -16.85 4.68 21.27
C ASN C 112 -17.65 3.38 21.35
N ASP C 113 -16.92 2.27 21.37
CA ASP C 113 -17.48 0.93 21.54
C ASP C 113 -18.64 0.68 20.58
N CYS C 114 -18.34 0.80 19.29
CA CYS C 114 -19.36 0.67 18.26
C CYS C 114 -19.59 -0.77 17.82
N SER C 115 -20.84 -1.11 17.58
CA SER C 115 -21.17 -2.39 16.95
C SER C 115 -20.80 -2.32 15.47
N CYS C 116 -20.75 -3.48 14.82
CA CYS C 116 -20.49 -3.52 13.38
C CYS C 116 -21.53 -2.73 12.61
N ALA C 117 -22.78 -2.81 13.03
CA ALA C 117 -23.87 -2.10 12.38
C ALA C 117 -23.73 -0.61 12.55
N LYS C 118 -23.31 -0.20 13.75
CA LYS C 118 -23.11 1.21 14.05
C LYS C 118 -21.99 1.78 13.19
N MET C 119 -20.89 1.05 13.07
CA MET C 119 -19.76 1.49 12.24
C MET C 119 -20.13 1.63 10.77
N GLN C 120 -20.86 0.64 10.24
CA GLN C 120 -21.31 0.67 8.86
C GLN C 120 -22.24 1.86 8.60
N ASP C 121 -23.15 2.10 9.54
CA ASP C 121 -24.15 3.16 9.40
C ASP C 121 -23.52 4.54 9.58
N LEU C 122 -22.66 4.64 10.58
CA LEU C 122 -21.92 5.86 10.90
C LEU C 122 -21.14 6.38 9.70
N LEU C 123 -20.48 5.46 9.00
CA LEU C 123 -19.66 5.81 7.84
C LEU C 123 -20.52 6.06 6.61
N LYS C 124 -21.61 5.30 6.48
CA LYS C 124 -22.58 5.48 5.41
C LYS C 124 -23.17 6.89 5.42
N LYS C 125 -23.57 7.35 6.60
CA LYS C 125 -24.18 8.67 6.75
C LYS C 125 -23.17 9.79 6.49
N ALA C 126 -21.92 9.55 6.92
CA ALA C 126 -20.85 10.51 6.69
C ALA C 126 -20.61 10.67 5.19
N SER C 127 -20.70 9.56 4.48
CA SER C 127 -20.51 9.55 3.03
C SER C 127 -21.67 10.23 2.31
N GLU C 128 -22.81 10.33 2.98
CA GLU C 128 -24.00 10.94 2.39
C GLU C 128 -24.13 12.42 2.73
N GLU C 129 -23.29 12.90 3.64
CA GLU C 129 -23.21 14.33 3.93
C GLU C 129 -22.62 15.11 2.76
N ASP C 130 -22.62 16.43 2.88
CA ASP C 130 -22.13 17.30 1.82
C ASP C 130 -20.69 17.73 2.14
N HIS C 131 -19.74 17.24 1.36
CA HIS C 131 -18.33 17.55 1.57
C HIS C 131 -17.79 18.56 0.56
N THR C 132 -18.70 19.20 -0.18
CA THR C 132 -18.34 20.17 -1.21
C THR C 132 -17.35 21.23 -0.71
N ASN C 133 -17.49 21.64 0.53
CA ASN C 133 -16.66 22.70 1.09
C ASN C 133 -15.48 22.16 1.90
N ALA C 134 -15.22 20.87 1.78
CA ALA C 134 -14.10 20.24 2.48
C ALA C 134 -13.01 19.83 1.51
N ALA C 135 -11.75 19.89 1.95
CA ALA C 135 -10.62 19.51 1.11
C ALA C 135 -10.42 18.00 1.07
N CYS C 136 -10.74 17.34 2.17
CA CYS C 136 -10.53 15.89 2.27
C CYS C 136 -11.34 15.26 3.39
N PHE C 137 -11.16 13.95 3.57
CA PHE C 137 -11.85 13.21 4.62
C PHE C 137 -10.88 12.25 5.29
N ALA C 138 -11.00 12.12 6.60
CA ALA C 138 -10.14 11.21 7.35
C ALA C 138 -10.98 10.36 8.30
N CYS C 139 -10.61 9.09 8.41
CA CYS C 139 -11.25 8.18 9.34
C CYS C 139 -10.18 7.36 10.05
N ILE C 140 -10.33 7.21 11.36
CA ILE C 140 -9.35 6.48 12.14
C ILE C 140 -10.03 5.34 12.89
N LEU C 141 -9.52 4.14 12.68
CA LEU C 141 -10.11 2.94 13.30
C LEU C 141 -9.18 2.34 14.34
N LEU C 142 -9.67 2.26 15.57
CA LEU C 142 -8.90 1.70 16.67
C LEU C 142 -9.66 0.53 17.23
N SER C 143 -9.14 -0.67 16.99
CA SER C 143 -9.86 -1.87 17.38
C SER C 143 -9.01 -3.11 17.22
N HIS C 144 -9.65 -4.24 17.48
CA HIS C 144 -9.13 -5.55 17.07
C HIS C 144 -9.36 -5.76 15.57
N GLY C 145 -8.64 -6.73 15.02
CA GLY C 145 -8.81 -7.10 13.63
C GLY C 145 -8.09 -8.38 13.26
N GLU C 146 -8.39 -8.86 12.07
CA GLU C 146 -7.70 -10.00 11.47
C GLU C 146 -7.55 -9.58 10.04
N GLU C 147 -7.00 -10.42 9.17
CA GLU C 147 -6.72 -9.98 7.81
C GLU C 147 -7.99 -9.52 7.08
N ASN C 148 -7.90 -8.31 6.50
CA ASN C 148 -9.01 -7.70 5.76
C ASN C 148 -10.26 -7.40 6.60
N VAL C 149 -10.13 -7.55 7.91
CA VAL C 149 -11.30 -7.47 8.79
C VAL C 149 -11.03 -6.65 10.05
N ILE C 150 -12.07 -5.99 10.55
CA ILE C 150 -11.97 -5.23 11.79
C ILE C 150 -13.14 -5.56 12.71
N TYR C 151 -12.87 -5.57 14.02
CA TYR C 151 -13.87 -5.90 15.02
C TYR C 151 -14.77 -4.73 15.43
N GLY C 152 -16.07 -4.98 15.43
CA GLY C 152 -16.99 -4.18 16.23
C GLY C 152 -17.00 -4.87 17.58
N LYS C 153 -17.83 -4.39 18.50
CA LYS C 153 -17.89 -5.04 19.81
C LYS C 153 -18.60 -6.39 19.71
N ASP C 154 -19.36 -6.60 18.65
CA ASP C 154 -20.19 -7.79 18.52
C ASP C 154 -19.77 -8.73 17.39
N GLY C 155 -18.60 -8.47 16.79
CA GLY C 155 -18.13 -9.29 15.69
C GLY C 155 -17.22 -8.57 14.72
N VAL C 156 -17.05 -9.13 13.52
CA VAL C 156 -16.16 -8.55 12.54
C VAL C 156 -16.91 -8.09 11.29
N THR C 157 -16.33 -7.09 10.62
CA THR C 157 -16.88 -6.56 9.38
C THR C 157 -15.71 -6.23 8.45
N PRO C 158 -15.86 -6.47 7.15
CA PRO C 158 -14.77 -6.25 6.20
C PRO C 158 -14.36 -4.79 6.08
N ILE C 159 -13.05 -4.54 6.04
CA ILE C 159 -12.51 -3.20 5.86
C ILE C 159 -13.00 -2.62 4.54
N LYS C 160 -13.10 -3.50 3.54
CA LYS C 160 -13.60 -3.12 2.21
C LYS C 160 -14.98 -2.47 2.26
N ASP C 161 -15.86 -2.97 3.11
CA ASP C 161 -17.23 -2.48 3.17
C ASP C 161 -17.34 -1.14 3.91
N LEU C 162 -16.46 -0.90 4.88
CA LEU C 162 -16.44 0.37 5.59
C LEU C 162 -15.98 1.51 4.68
N THR C 163 -15.00 1.24 3.83
CA THR C 163 -14.39 2.25 3.00
C THR C 163 -15.11 2.42 1.66
N ALA C 164 -15.90 1.41 1.29
CA ALA C 164 -16.59 1.43 0.00
C ALA C 164 -17.63 2.54 -0.08
N HIS C 165 -18.12 2.98 1.09
CA HIS C 165 -19.11 4.05 1.14
C HIS C 165 -18.59 5.34 0.53
N PHE C 166 -17.27 5.49 0.49
CA PHE C 166 -16.66 6.75 0.06
C PHE C 166 -16.10 6.68 -1.36
N ARG C 167 -16.41 5.58 -2.06
CA ARG C 167 -16.05 5.45 -3.47
C ARG C 167 -16.57 6.63 -4.28
N GLY C 168 -15.87 6.93 -5.36
CA GLY C 168 -16.22 8.06 -6.23
C GLY C 168 -17.67 8.10 -6.67
N ASP C 169 -18.24 6.93 -6.95
CA ASP C 169 -19.61 6.84 -7.42
C ASP C 169 -20.64 6.78 -6.30
N ARG C 170 -20.17 6.77 -5.06
CA ARG C 170 -21.08 6.67 -3.91
C ARG C 170 -20.93 7.85 -2.97
N CYS C 171 -19.98 8.73 -3.27
CA CYS C 171 -19.74 9.93 -2.48
C CYS C 171 -19.17 11.01 -3.39
N LYS C 172 -20.04 11.55 -4.24
CA LYS C 172 -19.65 12.48 -5.28
C LYS C 172 -18.97 13.76 -4.79
N THR C 173 -19.27 14.19 -3.56
CA THR C 173 -18.71 15.44 -3.07
C THR C 173 -17.30 15.27 -2.52
N LEU C 174 -16.81 14.03 -2.47
CA LEU C 174 -15.41 13.77 -2.14
C LEU C 174 -14.63 13.31 -3.37
N LEU C 175 -15.27 13.34 -4.53
CA LEU C 175 -14.62 13.02 -5.80
C LEU C 175 -13.38 13.90 -6.01
N GLU C 176 -12.28 13.25 -6.40
CA GLU C 176 -10.98 13.91 -6.62
C GLU C 176 -10.39 14.49 -5.34
N LYS C 177 -10.93 14.07 -4.18
CA LYS C 177 -10.38 14.50 -2.91
C LYS C 177 -9.83 13.29 -2.16
N PRO C 178 -8.74 13.49 -1.41
CA PRO C 178 -8.15 12.36 -0.67
C PRO C 178 -9.07 11.83 0.42
N LYS C 179 -9.15 10.50 0.52
CA LYS C 179 -9.92 9.86 1.58
C LYS C 179 -8.96 9.00 2.39
N LEU C 180 -8.67 9.44 3.60
CA LEU C 180 -7.64 8.83 4.41
C LEU C 180 -8.22 7.91 5.48
N PHE C 181 -7.62 6.74 5.61
CA PHE C 181 -8.04 5.79 6.63
C PHE C 181 -6.83 5.30 7.42
N PHE C 182 -6.84 5.56 8.71
CA PHE C 182 -5.75 5.13 9.59
C PHE C 182 -6.29 4.00 10.44
N ILE C 183 -5.61 2.86 10.41
CA ILE C 183 -6.14 1.66 11.04
C ILE C 183 -5.16 1.03 12.02
N GLN C 184 -5.48 1.15 13.31
CA GLN C 184 -4.74 0.43 14.34
C GLN C 184 -5.51 -0.83 14.71
N ALA C 185 -4.98 -1.96 14.28
CA ALA C 185 -5.62 -3.26 14.46
C ALA C 185 -4.70 -4.35 13.96
N CYS C 186 -4.79 -5.53 14.56
CA CYS C 186 -4.03 -6.68 14.07
C CYS C 186 -4.55 -7.09 12.70
N ARG C 187 -3.70 -7.76 11.93
CA ARG C 187 -4.07 -8.20 10.59
C ARG C 187 -3.74 -9.68 10.45
N GLY C 188 -3.66 -10.36 11.59
CA GLY C 188 -3.27 -11.75 11.64
C GLY C 188 -2.55 -12.04 12.95
N THR C 189 -1.85 -13.17 13.02
CA THR C 189 -1.27 -13.61 14.28
C THR C 189 0.25 -13.78 14.20
N GLU C 190 0.83 -13.48 13.03
CA GLU C 190 2.27 -13.62 12.86
C GLU C 190 3.03 -12.57 13.66
N LEU C 191 4.18 -12.96 14.18
CA LEU C 191 5.03 -12.05 14.94
C LEU C 191 6.34 -11.79 14.19
N ASP C 192 6.83 -10.56 14.26
CA ASP C 192 8.09 -10.20 13.62
C ASP C 192 9.21 -10.25 14.65
N ASP C 193 10.09 -11.25 14.52
CA ASP C 193 11.18 -11.43 15.48
C ASP C 193 12.28 -10.39 15.31
N GLY C 194 12.36 -9.81 14.13
CA GLY C 194 13.39 -8.84 13.82
C GLY C 194 14.73 -9.48 13.51
N ILE C 195 15.73 -8.65 13.25
CA ILE C 195 17.07 -9.13 12.91
C ILE C 195 18.13 -8.06 13.19
N GLN C 196 19.29 -8.51 13.66
CA GLN C 196 20.57 -7.78 13.73
C GLN C 196 20.85 -7.31 15.14
N TYR D 13 -12.17 13.04 -18.58
CA TYR D 13 -13.59 12.80 -18.30
C TYR D 13 -13.83 11.94 -17.06
N LYS D 14 -13.61 10.63 -17.12
CA LYS D 14 -13.98 9.80 -15.97
C LYS D 14 -12.81 9.52 -15.02
N ILE D 15 -13.17 9.23 -13.77
CA ILE D 15 -12.22 8.88 -12.71
C ILE D 15 -12.57 7.54 -12.08
N PRO D 16 -11.54 6.70 -11.84
CA PRO D 16 -11.80 5.40 -11.20
C PRO D 16 -12.44 5.60 -9.83
N VAL D 17 -13.40 4.75 -9.50
CA VAL D 17 -14.15 4.90 -8.27
C VAL D 17 -13.29 4.58 -7.05
N GLU D 18 -12.20 3.85 -7.27
CA GLU D 18 -11.30 3.46 -6.20
C GLU D 18 -10.13 4.44 -6.05
N ALA D 19 -10.11 5.48 -6.87
CA ALA D 19 -9.03 6.47 -6.83
C ALA D 19 -9.09 7.36 -5.58
N ASP D 20 -7.92 7.86 -5.18
CA ASP D 20 -7.78 8.86 -4.12
C ASP D 20 -8.08 8.33 -2.72
N PHE D 21 -7.86 7.04 -2.52
CA PHE D 21 -7.84 6.48 -1.18
C PHE D 21 -6.41 6.33 -0.67
N LEU D 22 -6.23 6.45 0.64
CA LEU D 22 -4.96 6.10 1.26
C LEU D 22 -5.24 5.35 2.55
N PHE D 23 -4.62 4.19 2.69
CA PHE D 23 -4.75 3.40 3.91
C PHE D 23 -3.43 3.35 4.66
N ALA D 24 -3.44 3.83 5.89
CA ALA D 24 -2.27 3.76 6.73
C ALA D 24 -2.48 2.69 7.79
N TYR D 25 -2.01 1.48 7.52
CA TYR D 25 -2.16 0.38 8.47
C TYR D 25 -1.03 0.41 9.49
N SER D 26 -1.33 -0.04 10.70
CA SER D 26 -0.36 -0.10 11.77
C SER D 26 0.65 -1.22 11.54
N THR D 27 0.28 -2.17 10.69
CA THR D 27 1.11 -3.33 10.44
C THR D 27 0.86 -3.94 9.05
N VAL D 28 1.68 -4.91 8.69
CA VAL D 28 1.60 -5.56 7.38
C VAL D 28 0.60 -6.72 7.43
N PRO D 29 0.07 -7.12 6.27
CA PRO D 29 -0.92 -8.21 6.25
C PRO D 29 -0.40 -9.49 6.88
N GLY D 30 -1.25 -10.15 7.68
CA GLY D 30 -0.89 -11.42 8.28
C GLY D 30 -0.27 -11.24 9.65
N TYR D 31 0.07 -10.01 10.00
CA TYR D 31 0.83 -9.75 11.21
C TYR D 31 0.06 -9.08 12.34
N VAL D 32 0.67 -9.12 13.51
CA VAL D 32 0.11 -8.61 14.74
C VAL D 32 0.42 -7.11 14.89
N SER D 33 -0.29 -6.43 15.78
CA SER D 33 -0.10 -4.99 15.99
C SER D 33 -0.01 -4.73 17.49
N MET D 34 0.97 -3.93 17.89
CA MET D 34 1.31 -3.83 19.31
C MET D 34 0.65 -2.63 19.99
N ARG D 35 0.38 -2.80 21.28
CA ARG D 35 -0.29 -1.77 22.06
C ARG D 35 0.22 -1.79 23.49
N SER D 36 0.69 -0.65 23.97
CA SER D 36 1.08 -0.50 25.37
C SER D 36 -0.09 0.03 26.17
N PRO D 37 -0.56 -0.75 27.16
CA PRO D 37 -1.70 -0.35 28.00
C PRO D 37 -1.45 1.00 28.69
N GLY D 38 -0.18 1.26 29.01
CA GLY D 38 0.21 2.49 29.66
C GLY D 38 0.42 3.66 28.73
N ARG D 39 0.84 3.40 27.49
CA ARG D 39 1.23 4.47 26.58
C ARG D 39 0.42 4.53 25.29
N GLY D 40 -0.30 3.45 25.00
CA GLY D 40 -1.09 3.39 23.78
C GLY D 40 -0.36 2.57 22.74
N SER D 41 -0.99 2.37 21.59
CA SER D 41 -0.40 1.55 20.53
C SER D 41 0.84 2.23 19.93
N TRP D 42 1.78 1.41 19.46
CA TRP D 42 3.03 1.90 18.90
C TRP D 42 2.80 2.84 17.72
N PHE D 43 1.92 2.40 16.81
CA PHE D 43 1.61 3.13 15.58
C PHE D 43 1.04 4.53 15.88
N VAL D 44 0.12 4.60 16.83
CA VAL D 44 -0.51 5.86 17.18
C VAL D 44 0.46 6.81 17.87
N GLN D 45 1.26 6.29 18.79
CA GLN D 45 2.32 7.08 19.42
C GLN D 45 3.21 7.74 18.38
N ALA D 46 3.66 6.94 17.41
CA ALA D 46 4.57 7.42 16.38
C ALA D 46 3.87 8.40 15.44
N LEU D 47 2.65 8.06 15.03
CA LEU D 47 1.88 8.90 14.12
C LEU D 47 1.66 10.30 14.71
N CYS D 48 1.20 10.35 15.95
CA CYS D 48 0.96 11.61 16.62
C CYS D 48 2.24 12.41 16.81
N SER D 49 3.33 11.72 17.18
CA SER D 49 4.61 12.38 17.43
C SER D 49 5.13 13.11 16.19
N ILE D 50 5.10 12.43 15.05
CA ILE D 50 5.55 13.03 13.79
C ILE D 50 4.59 14.10 13.26
N LEU D 51 3.28 13.88 13.44
CA LEU D 51 2.30 14.88 13.02
C LEU D 51 2.40 16.18 13.82
N GLU D 52 2.69 16.08 15.11
CA GLU D 52 2.85 17.28 15.94
C GLU D 52 3.98 18.17 15.45
N GLU D 53 5.09 17.55 15.04
CA GLU D 53 6.25 18.29 14.57
C GLU D 53 6.24 18.63 13.07
N HIS D 54 5.64 17.78 12.25
CA HIS D 54 5.74 17.95 10.81
C HIS D 54 4.44 17.87 10.03
N GLY D 55 3.32 17.83 10.75
CA GLY D 55 2.01 17.72 10.12
C GLY D 55 1.70 18.84 9.16
N LYS D 56 2.31 20.01 9.38
CA LYS D 56 1.97 21.22 8.64
C LYS D 56 2.93 21.49 7.48
N ASP D 57 4.09 20.83 7.49
CA ASP D 57 5.13 21.14 6.50
C ASP D 57 5.61 19.97 5.65
N LEU D 58 5.17 18.74 5.96
CA LEU D 58 5.56 17.59 5.16
C LEU D 58 4.40 16.98 4.37
N GLU D 59 4.72 16.40 3.22
CA GLU D 59 3.73 15.68 2.42
C GLU D 59 3.36 14.39 3.14
N ILE D 60 2.14 13.90 2.92
CA ILE D 60 1.60 12.79 3.69
C ILE D 60 2.44 11.51 3.59
N MET D 61 3.01 11.22 2.42
CA MET D 61 3.88 10.06 2.28
C MET D 61 5.19 10.21 3.04
N GLN D 62 5.70 11.45 3.13
CA GLN D 62 6.90 11.71 3.92
C GLN D 62 6.62 11.48 5.39
N ILE D 63 5.43 11.89 5.83
CA ILE D 63 5.03 11.73 7.21
C ILE D 63 4.93 10.25 7.58
N LEU D 64 4.22 9.49 6.75
CA LEU D 64 3.98 8.08 7.04
C LEU D 64 5.24 7.22 6.87
N THR D 65 6.14 7.64 5.99
CA THR D 65 7.43 6.98 5.86
C THR D 65 8.25 7.15 7.15
N ARG D 66 8.18 8.34 7.73
CA ARG D 66 8.86 8.61 8.99
C ARG D 66 8.20 7.85 10.12
N VAL D 67 6.87 7.67 10.03
CA VAL D 67 6.15 6.85 10.99
C VAL D 67 6.62 5.40 10.88
N ASN D 68 6.77 4.93 9.65
CA ASN D 68 7.32 3.59 9.40
C ASN D 68 8.67 3.40 10.09
N ASP D 69 9.55 4.39 9.91
CA ASP D 69 10.89 4.34 10.48
C ASP D 69 10.90 4.36 12.01
N ARG D 70 10.07 5.21 12.60
CA ARG D 70 10.04 5.35 14.06
C ARG D 70 9.50 4.10 14.73
N VAL D 71 8.44 3.53 14.18
CA VAL D 71 7.87 2.30 14.72
C VAL D 71 8.88 1.16 14.59
N ALA D 72 9.56 1.13 13.45
CA ALA D 72 10.51 0.05 13.16
C ALA D 72 11.74 0.10 14.06
N ARG D 73 12.19 1.30 14.43
CA ARG D 73 13.44 1.43 15.16
C ARG D 73 13.28 1.73 16.66
N HIS D 74 12.27 2.49 17.04
CA HIS D 74 12.15 2.95 18.42
C HIS D 74 11.40 1.95 19.32
N PHE D 75 10.81 0.91 18.72
CA PHE D 75 9.97 0.01 19.51
C PHE D 75 10.44 -1.45 19.46
N GLU D 76 10.42 -2.08 20.64
CA GLU D 76 10.67 -3.51 20.78
C GLU D 76 9.94 -4.00 22.02
N SER D 77 9.29 -5.16 21.91
CA SER D 77 8.35 -5.59 22.95
C SER D 77 9.01 -6.22 24.18
N CYS D 78 8.34 -6.07 25.32
CA CYS D 78 8.68 -6.81 26.53
C CYS D 78 7.46 -7.55 27.07
N SER D 79 7.63 -8.84 27.35
CA SER D 79 6.55 -9.66 27.89
C SER D 79 7.08 -10.79 28.76
N ASP D 80 6.29 -11.22 29.74
CA ASP D 80 6.70 -12.35 30.57
C ASP D 80 6.50 -13.63 29.80
N ASP D 81 5.60 -13.59 28.82
CA ASP D 81 5.49 -14.65 27.82
C ASP D 81 6.63 -14.51 26.82
N PRO D 82 7.58 -15.47 26.82
CA PRO D 82 8.73 -15.37 25.92
C PRO D 82 8.32 -15.47 24.45
N HIS D 83 7.14 -16.02 24.20
CA HIS D 83 6.56 -16.05 22.86
C HIS D 83 6.34 -14.65 22.31
N PHE D 84 6.10 -13.69 23.20
CA PHE D 84 5.84 -12.31 22.81
C PHE D 84 6.96 -11.36 23.22
N HIS D 85 8.16 -11.89 23.43
CA HIS D 85 9.27 -11.08 23.92
C HIS D 85 10.20 -10.63 22.80
N GLU D 86 10.61 -9.36 22.87
CA GLU D 86 11.54 -8.76 21.90
C GLU D 86 11.05 -8.85 20.46
N LYS D 87 9.77 -8.59 20.25
CA LYS D 87 9.19 -8.59 18.91
C LYS D 87 9.22 -7.20 18.29
N LYS D 88 9.08 -7.15 16.96
CA LYS D 88 9.19 -5.90 16.24
C LYS D 88 7.96 -5.67 15.37
N GLN D 89 7.82 -4.47 14.84
CA GLN D 89 6.65 -4.11 14.02
C GLN D 89 7.00 -3.11 12.93
N ILE D 90 6.44 -3.31 11.74
CA ILE D 90 6.55 -2.34 10.66
C ILE D 90 5.16 -2.03 10.10
N PRO D 91 4.81 -0.74 10.02
CA PRO D 91 3.51 -0.35 9.45
C PRO D 91 3.47 -0.54 7.93
N CYS D 92 2.34 -0.20 7.32
CA CYS D 92 2.10 -0.51 5.92
C CYS D 92 1.18 0.53 5.29
N VAL D 93 1.73 1.31 4.36
CA VAL D 93 0.97 2.37 3.70
C VAL D 93 0.48 1.94 2.33
N VAL D 94 -0.82 2.03 2.10
CA VAL D 94 -1.40 1.72 0.81
C VAL D 94 -1.97 2.98 0.18
N SER D 95 -1.41 3.39 -0.94
CA SER D 95 -1.81 4.65 -1.55
C SER D 95 -2.41 4.50 -2.95
N MET D 96 -3.62 5.01 -3.11
CA MET D 96 -4.23 5.18 -4.42
C MET D 96 -4.34 6.66 -4.74
N LEU D 97 -3.56 7.48 -4.02
CA LEU D 97 -3.57 8.92 -4.24
C LEU D 97 -3.03 9.26 -5.62
N THR D 98 -3.55 10.33 -6.20
CA THR D 98 -3.16 10.75 -7.54
C THR D 98 -2.40 12.07 -7.50
N LYS D 99 -2.28 12.64 -6.31
CA LYS D 99 -1.53 13.88 -6.11
C LYS D 99 -0.79 13.85 -4.78
N GLU D 100 0.08 14.84 -4.57
CA GLU D 100 0.74 15.01 -3.28
C GLU D 100 -0.21 15.70 -2.32
N LEU D 101 -0.16 15.31 -1.05
CA LEU D 101 -1.09 15.84 -0.07
C LEU D 101 -0.36 16.61 1.04
N TYR D 102 -0.63 17.90 1.11
CA TYR D 102 -0.17 18.75 2.21
C TYR D 102 -1.39 19.25 2.98
N PHE D 103 -1.28 19.30 4.31
CA PHE D 103 -2.39 19.79 5.14
C PHE D 103 -2.35 21.31 5.38
N SER D 104 -1.95 22.09 4.37
CA SER D 104 -1.92 23.54 4.56
C SER D 104 -2.10 24.37 3.29
N GLN D 105 -2.29 25.68 3.48
CA GLN D 105 -2.47 26.67 2.41
C GLN D 105 -3.86 26.44 1.80
N VAL E 2 -9.01 -3.88 -26.02
CA VAL E 2 -8.26 -3.99 -24.77
C VAL E 2 -8.37 -5.38 -24.14
N GLU E 3 -7.33 -5.81 -23.45
CA GLU E 3 -7.30 -7.16 -22.90
C GLU E 3 -7.14 -7.16 -21.37
N ILE E 4 -7.40 -8.31 -20.77
CA ILE E 4 -7.42 -8.47 -19.33
C ILE E 4 -6.26 -9.34 -18.85
N VAL F 2 3.49 -5.61 27.01
CA VAL F 2 2.85 -5.18 25.77
C VAL F 2 1.69 -6.11 25.39
N GLU F 3 0.71 -5.58 24.65
CA GLU F 3 -0.45 -6.36 24.29
C GLU F 3 -0.70 -6.40 22.79
N ILE F 4 -1.65 -7.23 22.39
CA ILE F 4 -1.87 -7.54 20.98
C ILE F 4 -3.24 -7.06 20.51
#